data_8K51
#
_entry.id   8K51
#
_cell.length_a   72.410
_cell.length_b   88.850
_cell.length_c   127.320
_cell.angle_alpha   90.00
_cell.angle_beta   90.00
_cell.angle_gamma   90.00
#
_symmetry.space_group_name_H-M   'P 21 21 21'
#
loop_
_entity.id
_entity.type
_entity.pdbx_description
1 polymer 'arylamine N-acyltransferase'
2 non-polymer GLYCEROL
3 non-polymer 'SULFATE ION'
4 water water
#
_entity_poly.entity_id   1
_entity_poly.type   'polypeptide(L)'
_entity_poly.pdbx_seq_one_letter_code
;HHHHHHSSGLVPRGSHMETESLPWREYLERIGYQGLLNNSLECLRELYTAHLRSVPYEMLDSFDGTPPVLGHAESFAKLV
HRRRGGNCLESTPLFGEFLRQAGFEVRLVPAQIWKVSGEWWDAWDHLLLIVTVDGEDWLLDVGFLMLTFAEPLKVAEGPQ
EQSGWRFRVAEEEGFPTVSHQGPDGTWTAVYRYRDEPQQRADYEWIIDFHKSAEDSPLVGTLLCSRNVPDGKLIMIGENL
LHARNGRVSAEFIETTSRAEELLRVIFAGHEHMVESAVRTWEKARADRSTRRSLVYRKAEQ
;
_entity_poly.pdbx_strand_id   B,A
#
# COMPACT_ATOMS: atom_id res chain seq x y z
N GLY A 9 -27.11 -20.30 8.69
CA GLY A 9 -26.29 -21.34 9.28
C GLY A 9 -26.67 -21.70 10.72
N LEU A 10 -25.65 -21.92 11.55
CA LEU A 10 -25.84 -22.08 12.99
C LEU A 10 -25.49 -20.82 13.76
N VAL A 11 -24.71 -19.93 13.18
CA VAL A 11 -24.28 -18.71 13.86
C VAL A 11 -25.31 -17.62 13.56
N PRO A 12 -25.96 -17.04 14.56
CA PRO A 12 -27.01 -16.06 14.29
C PRO A 12 -26.46 -14.81 13.63
N ARG A 13 -27.25 -14.25 12.72
CA ARG A 13 -26.81 -13.07 11.97
C ARG A 13 -26.68 -11.87 12.90
N GLY A 14 -25.57 -11.14 12.77
CA GLY A 14 -25.33 -9.98 13.60
C GLY A 14 -24.80 -10.28 14.98
N SER A 15 -24.63 -11.56 15.31
CA SER A 15 -24.04 -11.91 16.59
C SER A 15 -22.58 -11.54 16.62
N HIS A 16 -22.07 -11.24 17.81
CA HIS A 16 -20.64 -11.07 17.97
C HIS A 16 -19.86 -12.30 17.50
N MET A 17 -20.43 -13.51 17.64
CA MET A 17 -19.84 -14.71 17.05
C MET A 17 -19.61 -14.53 15.56
N GLU A 18 -20.63 -14.06 14.85
CA GLU A 18 -20.53 -13.89 13.40
C GLU A 18 -19.41 -12.93 13.02
N THR A 19 -19.40 -11.74 13.61
CA THR A 19 -18.36 -10.79 13.16
C THR A 19 -16.98 -11.27 13.59
N GLU A 20 -16.87 -11.94 14.73
CA GLU A 20 -15.57 -12.34 15.25
C GLU A 20 -14.89 -13.39 14.38
N SER A 21 -15.66 -14.18 13.62
CA SER A 21 -15.06 -15.24 12.82
C SER A 21 -15.03 -14.89 11.32
N LEU A 22 -15.16 -13.60 10.98
CA LEU A 22 -14.97 -13.19 9.59
C LEU A 22 -13.51 -13.43 9.19
N PRO A 23 -13.27 -13.96 7.99
CA PRO A 23 -11.89 -14.31 7.61
C PRO A 23 -11.11 -13.11 7.09
N TRP A 24 -10.51 -12.37 8.03
CA TRP A 24 -9.85 -11.11 7.71
C TRP A 24 -8.67 -11.28 6.74
N ARG A 25 -8.12 -12.49 6.62
CA ARG A 25 -7.09 -12.75 5.62
C ARG A 25 -7.61 -12.45 4.22
N GLU A 26 -8.85 -12.84 3.94
CA GLU A 26 -9.42 -12.58 2.61
C GLU A 26 -9.72 -11.10 2.41
N TYR A 27 -10.05 -10.40 3.50
CA TYR A 27 -10.22 -8.96 3.45
C TYR A 27 -8.92 -8.27 3.07
N LEU A 28 -7.83 -8.64 3.74
CA LEU A 28 -6.53 -8.06 3.42
C LEU A 28 -6.12 -8.39 2.00
N GLU A 29 -6.41 -9.62 1.55
CA GLU A 29 -6.19 -9.97 0.15
C GLU A 29 -6.99 -9.06 -0.77
N ARG A 30 -8.25 -8.81 -0.42
CA ARG A 30 -9.13 -8.01 -1.26
C ARG A 30 -8.60 -6.59 -1.44
N ILE A 31 -8.01 -6.00 -0.41
CA ILE A 31 -7.49 -4.64 -0.51
C ILE A 31 -5.99 -4.62 -0.86
N GLY A 32 -5.42 -5.75 -1.21
CA GLY A 32 -4.02 -5.76 -1.63
C GLY A 32 -3.06 -5.32 -0.55
N TYR A 33 -3.19 -5.92 0.64
CA TYR A 33 -2.23 -5.75 1.73
C TYR A 33 -1.73 -7.14 2.05
N GLN A 34 -0.55 -7.47 1.54
CA GLN A 34 0.05 -8.79 1.75
C GLN A 34 1.31 -8.71 2.61
N GLY A 35 1.34 -7.81 3.58
CA GLY A 35 2.43 -7.75 4.53
C GLY A 35 2.02 -8.11 5.95
N LEU A 36 2.94 -7.84 6.88
CA LEU A 36 2.73 -8.02 8.30
C LEU A 36 1.99 -6.81 8.88
N LEU A 37 1.26 -7.05 9.96
CA LEU A 37 0.52 -6.00 10.63
C LEU A 37 1.13 -5.72 12.00
N ASN A 38 1.20 -4.44 12.35
CA ASN A 38 1.38 -4.03 13.74
C ASN A 38 0.50 -2.81 13.95
N ASN A 39 0.59 -2.18 15.11
CA ASN A 39 -0.27 -1.05 15.42
C ASN A 39 0.46 0.28 15.36
N SER A 40 1.54 0.35 14.60
CA SER A 40 2.19 1.64 14.36
C SER A 40 1.34 2.51 13.44
N LEU A 41 1.61 3.81 13.47
CA LEU A 41 1.01 4.73 12.51
C LEU A 41 1.37 4.33 11.08
N GLU A 42 2.60 3.88 10.84
CA GLU A 42 3.01 3.50 9.49
C GLU A 42 2.16 2.36 8.95
N CYS A 43 1.84 1.36 9.77
CA CYS A 43 0.94 0.30 9.33
C CYS A 43 -0.45 0.83 9.01
N LEU A 44 -0.96 1.73 9.85
CA LEU A 44 -2.28 2.32 9.62
C LEU A 44 -2.30 3.08 8.30
N ARG A 45 -1.27 3.90 8.04
CA ARG A 45 -1.16 4.63 6.78
C ARG A 45 -1.22 3.69 5.58
N GLU A 46 -0.48 2.58 5.65
CA GLU A 46 -0.42 1.65 4.52
C GLU A 46 -1.76 0.95 4.30
N LEU A 47 -2.44 0.56 5.38
CA LEU A 47 -3.78 -0.04 5.27
C LEU A 47 -4.77 0.92 4.62
N TYR A 48 -4.79 2.17 5.10
CA TYR A 48 -5.66 3.18 4.53
C TYR A 48 -5.41 3.35 3.04
N THR A 49 -4.15 3.54 2.65
CA THR A 49 -3.79 3.68 1.24
C THR A 49 -4.21 2.46 0.43
N ALA A 50 -3.99 1.26 0.97
CA ALA A 50 -4.37 0.05 0.25
C ALA A 50 -5.88 0.02 -0.02
N HIS A 51 -6.69 0.29 1.01
CA HIS A 51 -8.15 0.31 0.82
C HIS A 51 -8.54 1.33 -0.24
N LEU A 52 -8.01 2.56 -0.13
CA LEU A 52 -8.37 3.63 -1.06
C LEU A 52 -8.00 3.30 -2.50
N ARG A 53 -6.84 2.68 -2.73
CA ARG A 53 -6.42 2.40 -4.11
C ARG A 53 -7.14 1.19 -4.69
N SER A 54 -7.52 0.23 -3.84
CA SER A 54 -8.05 -1.06 -4.29
C SER A 54 -9.57 -1.07 -4.41
N VAL A 55 -10.27 -0.15 -3.74
CA VAL A 55 -11.72 -0.25 -3.66
C VAL A 55 -12.34 1.04 -4.24
N PRO A 56 -13.06 0.95 -5.36
CA PRO A 56 -13.75 2.14 -5.88
C PRO A 56 -14.97 2.46 -5.04
N TYR A 57 -15.29 3.75 -4.96
CA TYR A 57 -16.58 4.17 -4.41
C TYR A 57 -17.65 3.88 -5.44
N GLU A 58 -18.75 3.25 -5.02
CA GLU A 58 -19.84 3.04 -5.96
C GLU A 58 -21.13 2.77 -5.20
N MET A 59 -22.25 3.14 -5.85
CA MET A 59 -23.59 3.07 -5.28
C MET A 59 -24.54 2.35 -6.23
N LEU A 60 -24.02 1.48 -7.10
CA LEU A 60 -24.82 0.94 -8.20
C LEU A 60 -26.06 0.22 -7.68
N ASP A 61 -25.93 -0.54 -6.59
CA ASP A 61 -27.05 -1.33 -6.11
C ASP A 61 -28.21 -0.44 -5.63
N SER A 62 -27.92 0.79 -5.21
CA SER A 62 -28.93 1.71 -4.71
C SER A 62 -29.57 2.55 -5.82
N PHE A 63 -29.13 2.40 -7.06
CA PHE A 63 -29.71 3.18 -8.16
C PHE A 63 -31.22 2.98 -8.24
N ASP A 64 -31.70 1.77 -7.91
CA ASP A 64 -33.13 1.49 -7.84
C ASP A 64 -33.80 2.23 -6.69
N GLY A 65 -33.08 2.42 -5.59
CA GLY A 65 -33.70 2.68 -4.29
C GLY A 65 -33.61 1.50 -3.35
N THR A 66 -33.04 0.38 -3.80
CA THR A 66 -32.73 -0.75 -2.94
C THR A 66 -31.75 -0.33 -1.84
N PRO A 67 -32.07 -0.53 -0.57
CA PRO A 67 -31.16 -0.11 0.49
C PRO A 67 -30.01 -1.09 0.66
N PRO A 68 -28.85 -0.63 1.12
CA PRO A 68 -27.78 -1.56 1.48
C PRO A 68 -28.10 -2.28 2.78
N VAL A 69 -27.56 -3.48 2.93
CA VAL A 69 -27.61 -4.12 4.23
C VAL A 69 -26.50 -3.54 5.09
N LEU A 70 -26.68 -3.61 6.41
CA LEU A 70 -25.75 -2.93 7.30
C LEU A 70 -24.79 -3.87 8.03
N GLY A 71 -25.11 -5.15 8.15
CA GLY A 71 -24.28 -6.03 8.97
C GLY A 71 -22.86 -6.13 8.45
N HIS A 72 -21.94 -6.37 9.39
CA HIS A 72 -20.55 -6.62 9.00
C HIS A 72 -20.45 -7.83 8.07
N ALA A 73 -21.18 -8.90 8.37
CA ALA A 73 -21.08 -10.10 7.54
C ALA A 73 -21.63 -9.84 6.14
N GLU A 74 -22.66 -9.02 6.03
CA GLU A 74 -23.21 -8.68 4.72
C GLU A 74 -22.29 -7.72 3.97
N SER A 75 -21.72 -6.73 4.67
CA SER A 75 -20.74 -5.85 4.04
C SER A 75 -19.53 -6.64 3.57
N PHE A 76 -19.02 -7.51 4.43
CA PHE A 76 -17.87 -8.36 4.08
C PHE A 76 -18.15 -9.15 2.81
N ALA A 77 -19.32 -9.78 2.72
CA ALA A 77 -19.63 -10.64 1.59
C ALA A 77 -19.66 -9.84 0.30
N LYS A 78 -20.30 -8.67 0.33
CA LYS A 78 -20.38 -7.82 -0.85
C LYS A 78 -19.00 -7.30 -1.28
N LEU A 79 -18.21 -6.83 -0.33
CA LEU A 79 -16.92 -6.23 -0.68
C LEU A 79 -15.87 -7.28 -1.02
N VAL A 80 -15.79 -8.35 -0.23
CA VAL A 80 -14.70 -9.32 -0.36
C VAL A 80 -15.06 -10.44 -1.33
N HIS A 81 -16.22 -11.06 -1.16
CA HIS A 81 -16.53 -12.25 -1.96
C HIS A 81 -17.08 -11.87 -3.33
N ARG A 82 -17.90 -10.83 -3.41
CA ARG A 82 -18.39 -10.40 -4.71
C ARG A 82 -17.52 -9.31 -5.34
N ARG A 83 -16.47 -8.86 -4.64
CA ARG A 83 -15.55 -7.85 -5.14
C ARG A 83 -16.30 -6.62 -5.66
N ARG A 84 -17.25 -6.15 -4.88
CA ARG A 84 -17.94 -4.92 -5.23
C ARG A 84 -17.18 -3.75 -4.63
N GLY A 85 -17.62 -2.53 -4.93
CA GLY A 85 -16.98 -1.34 -4.44
C GLY A 85 -17.51 -0.94 -3.09
N GLY A 86 -17.22 0.31 -2.71
CA GLY A 86 -17.43 0.76 -1.35
C GLY A 86 -18.23 2.05 -1.27
N ASN A 87 -18.64 2.37 -0.05
CA ASN A 87 -19.28 3.64 0.27
C ASN A 87 -19.38 3.71 1.79
N CYS A 88 -19.91 4.83 2.27
CA CYS A 88 -19.81 5.14 3.69
C CYS A 88 -20.48 4.08 4.56
N LEU A 89 -21.66 3.61 4.18
CA LEU A 89 -22.33 2.63 5.04
C LEU A 89 -21.74 1.23 4.91
N GLU A 90 -21.26 0.88 3.73
CA GLU A 90 -20.81 -0.48 3.47
C GLU A 90 -19.32 -0.67 3.61
N SER A 91 -18.54 0.40 3.65
CA SER A 91 -17.09 0.26 3.75
C SER A 91 -16.54 0.70 5.09
N THR A 92 -16.96 1.87 5.57
CA THR A 92 -16.29 2.49 6.69
C THR A 92 -16.49 1.72 7.99
N PRO A 93 -17.71 1.30 8.38
CA PRO A 93 -17.83 0.49 9.61
C PRO A 93 -17.09 -0.84 9.51
N LEU A 94 -17.13 -1.49 8.35
CA LEU A 94 -16.40 -2.75 8.19
C LEU A 94 -14.89 -2.53 8.39
N PHE A 95 -14.34 -1.48 7.77
CA PHE A 95 -12.93 -1.16 7.96
C PHE A 95 -12.64 -0.86 9.43
N GLY A 96 -13.52 -0.09 10.08
CA GLY A 96 -13.36 0.15 11.51
C GLY A 96 -13.35 -1.14 12.32
N GLU A 97 -14.19 -2.10 11.94
CA GLU A 97 -14.20 -3.37 12.65
C GLU A 97 -12.93 -4.17 12.38
N PHE A 98 -12.43 -4.14 11.13
CA PHE A 98 -11.15 -4.78 10.87
C PHE A 98 -10.04 -4.17 11.72
N LEU A 99 -10.00 -2.83 11.82
CA LEU A 99 -8.92 -2.20 12.58
C LEU A 99 -9.02 -2.57 14.05
N ARG A 100 -10.24 -2.67 14.57
CA ARG A 100 -10.42 -3.01 15.98
C ARG A 100 -9.88 -4.40 16.26
N GLN A 101 -10.22 -5.37 15.41
CA GLN A 101 -9.74 -6.73 15.62
C GLN A 101 -8.24 -6.84 15.39
N ALA A 102 -7.65 -5.99 14.55
CA ALA A 102 -6.20 -5.96 14.37
C ALA A 102 -5.50 -5.20 15.49
N GLY A 103 -6.23 -4.74 16.52
CA GLY A 103 -5.62 -4.14 17.68
C GLY A 103 -5.54 -2.63 17.74
N PHE A 104 -6.10 -1.91 16.76
CA PHE A 104 -6.08 -0.44 16.82
C PHE A 104 -7.21 0.07 17.72
N GLU A 105 -7.02 1.26 18.27
CA GLU A 105 -8.05 1.92 19.08
C GLU A 105 -8.86 2.82 18.14
N VAL A 106 -10.13 2.46 17.89
CA VAL A 106 -10.89 3.06 16.81
C VAL A 106 -12.30 3.44 17.29
N ARG A 107 -12.78 4.57 16.78
CA ARG A 107 -14.04 5.22 17.12
C ARG A 107 -14.74 5.55 15.81
N LEU A 108 -16.00 5.16 15.66
CA LEU A 108 -16.79 5.53 14.48
C LEU A 108 -17.70 6.71 14.83
N VAL A 109 -17.63 7.78 14.04
CA VAL A 109 -18.34 9.01 14.42
C VAL A 109 -19.19 9.56 13.28
N PRO A 110 -20.29 10.27 13.56
CA PRO A 110 -21.14 10.80 12.49
C PRO A 110 -20.61 12.10 11.92
N ALA A 111 -20.99 12.36 10.67
CA ALA A 111 -20.49 13.52 9.96
C ALA A 111 -21.58 14.08 9.05
N GLN A 112 -21.46 15.36 8.76
CA GLN A 112 -22.38 16.04 7.86
C GLN A 112 -21.58 16.71 6.75
N ILE A 113 -21.97 16.46 5.49
CA ILE A 113 -21.22 16.83 4.29
C ILE A 113 -21.60 18.24 3.82
N TRP A 114 -20.61 19.00 3.37
CA TRP A 114 -20.80 20.32 2.78
C TRP A 114 -21.11 20.19 1.28
N LYS A 115 -22.22 20.78 0.86
CA LYS A 115 -22.63 20.74 -0.55
C LYS A 115 -21.74 21.62 -1.41
N VAL A 116 -21.55 21.20 -2.66
CA VAL A 116 -20.87 22.07 -3.62
C VAL A 116 -21.61 23.41 -3.78
N SER A 117 -22.93 23.43 -3.59
CA SER A 117 -23.68 24.69 -3.68
C SER A 117 -23.29 25.67 -2.58
N GLY A 118 -22.85 25.18 -1.42
CA GLY A 118 -22.50 26.07 -0.34
C GLY A 118 -23.47 26.08 0.83
N GLU A 119 -23.92 24.89 1.22
CA GLU A 119 -24.65 24.72 2.46
C GLU A 119 -24.44 23.26 2.90
N TRP A 120 -24.97 22.93 4.08
CA TRP A 120 -24.86 21.56 4.58
C TRP A 120 -26.00 20.71 4.00
N TRP A 121 -25.69 19.45 3.69
CA TRP A 121 -26.74 18.46 3.51
C TRP A 121 -27.57 18.36 4.80
N ASP A 122 -28.87 18.11 4.64
CA ASP A 122 -29.78 18.13 5.78
C ASP A 122 -29.41 17.09 6.83
N ALA A 123 -28.98 15.90 6.41
CA ALA A 123 -28.76 14.81 7.34
C ALA A 123 -27.28 14.64 7.69
N TRP A 124 -27.04 14.24 8.93
CA TRP A 124 -25.74 13.79 9.38
C TRP A 124 -25.56 12.31 9.00
N ASP A 125 -25.54 12.04 7.70
CA ASP A 125 -25.55 10.67 7.20
C ASP A 125 -24.19 10.18 6.70
N HIS A 126 -23.11 10.90 6.97
CA HIS A 126 -21.76 10.41 6.69
C HIS A 126 -21.17 9.82 7.98
N LEU A 127 -20.07 9.08 7.82
CA LEU A 127 -19.39 8.47 8.96
C LEU A 127 -17.89 8.56 8.75
N LEU A 128 -17.16 8.80 9.85
CA LEU A 128 -15.71 8.85 9.84
C LEU A 128 -15.17 7.91 10.90
N LEU A 129 -13.90 7.52 10.75
CA LEU A 129 -13.18 6.78 11.78
C LEU A 129 -12.16 7.70 12.45
N ILE A 130 -12.05 7.60 13.76
CA ILE A 130 -10.95 8.24 14.49
C ILE A 130 -10.13 7.13 15.13
N VAL A 131 -8.84 7.07 14.79
CA VAL A 131 -7.94 6.04 15.30
C VAL A 131 -6.93 6.72 16.20
N THR A 132 -6.74 6.17 17.40
CA THR A 132 -5.86 6.75 18.40
C THR A 132 -4.54 5.96 18.42
N VAL A 133 -3.45 6.63 18.02
CA VAL A 133 -2.13 6.00 17.96
C VAL A 133 -1.17 6.84 18.80
N ASP A 134 -0.62 6.23 19.86
CA ASP A 134 0.37 6.90 20.71
C ASP A 134 -0.14 8.25 21.23
N GLY A 135 -1.39 8.25 21.69
CA GLY A 135 -1.96 9.46 22.27
C GLY A 135 -2.44 10.50 21.29
N GLU A 136 -2.34 10.27 19.98
CA GLU A 136 -2.89 11.20 19.02
C GLU A 136 -4.02 10.56 18.23
N ASP A 137 -4.97 11.41 17.83
CA ASP A 137 -6.16 10.99 17.09
C ASP A 137 -5.95 11.29 15.60
N TRP A 138 -6.34 10.32 14.76
CA TRP A 138 -6.17 10.41 13.31
C TRP A 138 -7.49 10.08 12.63
N LEU A 139 -7.90 10.92 11.67
CA LEU A 139 -9.12 10.70 10.91
C LEU A 139 -8.87 9.85 9.68
N LEU A 140 -9.83 8.97 9.36
CA LEU A 140 -9.75 8.09 8.20
C LEU A 140 -11.13 8.01 7.56
N ASP A 141 -11.17 8.07 6.22
CA ASP A 141 -12.45 8.04 5.48
C ASP A 141 -12.31 7.14 4.26
N VAL A 142 -12.92 5.96 4.31
CA VAL A 142 -12.86 5.02 3.18
C VAL A 142 -14.24 4.89 2.56
N GLY A 143 -15.02 5.95 2.61
CA GLY A 143 -16.40 5.85 2.11
C GLY A 143 -16.93 7.19 1.60
N PHE A 144 -16.08 7.96 0.91
CA PHE A 144 -16.41 9.30 0.45
C PHE A 144 -16.25 9.38 -1.06
N LEU A 145 -17.25 9.95 -1.74
CA LEU A 145 -17.24 10.02 -3.20
C LEU A 145 -16.19 10.99 -3.73
N MET A 146 -16.10 12.17 -3.15
CA MET A 146 -15.31 13.25 -3.72
C MET A 146 -13.93 13.32 -3.07
N LEU A 147 -13.28 14.48 -3.18
CA LEU A 147 -11.90 14.63 -2.74
C LEU A 147 -11.84 14.85 -1.22
N THR A 148 -11.12 13.98 -0.54
CA THR A 148 -10.82 14.17 0.88
C THR A 148 -9.38 13.70 1.10
N PHE A 149 -8.93 13.73 2.35
CA PHE A 149 -7.57 13.33 2.67
C PHE A 149 -7.37 11.83 2.40
N ALA A 150 -6.32 11.50 1.65
CA ALA A 150 -5.93 10.12 1.35
C ALA A 150 -4.81 9.62 2.25
N GLU A 151 -4.32 10.45 3.16
CA GLU A 151 -3.46 10.05 4.27
C GLU A 151 -4.16 10.45 5.57
N PRO A 152 -3.96 9.70 6.65
CA PRO A 152 -4.74 9.99 7.86
C PRO A 152 -4.54 11.44 8.28
N LEU A 153 -5.63 12.11 8.63
CA LEU A 153 -5.59 13.52 8.97
C LEU A 153 -5.51 13.66 10.49
N LYS A 154 -4.49 14.35 10.97
CA LYS A 154 -4.31 14.45 12.40
C LYS A 154 -5.33 15.43 13.02
N VAL A 155 -5.88 15.05 14.17
CA VAL A 155 -6.79 15.97 14.87
C VAL A 155 -5.91 16.96 15.60
N ALA A 156 -5.51 18.02 14.91
CA ALA A 156 -4.64 19.06 15.45
C ALA A 156 -4.90 20.31 14.64
N GLU A 157 -4.36 21.42 15.13
CA GLU A 157 -4.50 22.69 14.45
C GLU A 157 -3.48 22.84 13.33
N GLY A 158 -3.86 23.57 12.30
CA GLY A 158 -2.92 23.98 11.29
C GLY A 158 -3.00 23.19 10.01
N PRO A 159 -2.51 23.78 8.92
CA PRO A 159 -2.57 23.11 7.61
C PRO A 159 -1.75 21.83 7.61
N GLN A 160 -2.27 20.80 6.93
CA GLN A 160 -1.54 19.56 6.74
C GLN A 160 -1.51 19.31 5.24
N GLU A 161 -0.31 19.18 4.68
CA GLU A 161 -0.17 19.05 3.24
C GLU A 161 -0.19 17.58 2.85
N GLN A 162 -0.87 17.27 1.76
CA GLN A 162 -0.97 15.90 1.25
C GLN A 162 -1.14 15.98 -0.26
N SER A 163 -0.20 15.36 -1.00
CA SER A 163 -0.26 15.26 -2.47
C SER A 163 -0.57 16.60 -3.15
N GLY A 164 0.06 17.67 -2.68
CA GLY A 164 -0.16 18.98 -3.27
C GLY A 164 -1.38 19.73 -2.78
N TRP A 165 -2.21 19.13 -1.93
CA TRP A 165 -3.32 19.86 -1.33
C TRP A 165 -3.01 20.12 0.12
N ARG A 166 -3.77 21.05 0.71
CA ARG A 166 -3.70 21.31 2.13
C ARG A 166 -5.09 21.05 2.71
N PHE A 167 -5.13 20.27 3.79
CA PHE A 167 -6.33 20.04 4.59
C PHE A 167 -6.09 20.56 6.00
N ARG A 168 -7.19 20.72 6.76
CA ARG A 168 -7.10 21.08 8.17
C ARG A 168 -8.37 20.63 8.87
N VAL A 169 -8.24 20.38 10.17
CA VAL A 169 -9.38 20.30 11.10
C VAL A 169 -9.34 21.54 11.96
N ALA A 170 -10.48 22.23 12.06
CA ALA A 170 -10.60 23.42 12.89
C ALA A 170 -12.02 23.49 13.46
N GLU A 171 -12.14 24.08 14.63
CA GLU A 171 -13.44 24.26 15.28
C GLU A 171 -14.17 25.43 14.63
N GLU A 172 -15.35 25.15 14.07
CA GLU A 172 -16.13 26.17 13.37
C GLU A 172 -17.58 26.01 13.80
N GLU A 173 -18.16 27.07 14.36
CA GLU A 173 -19.55 27.09 14.81
C GLU A 173 -19.88 25.88 15.67
N GLY A 174 -18.94 25.51 16.54
CA GLY A 174 -19.18 24.48 17.52
C GLY A 174 -18.76 23.08 17.14
N PHE A 175 -18.27 22.87 15.91
CA PHE A 175 -17.99 21.53 15.41
C PHE A 175 -16.58 21.45 14.83
N PRO A 176 -15.84 20.38 15.13
CA PRO A 176 -14.60 20.12 14.36
C PRO A 176 -14.94 19.93 12.89
N THR A 177 -14.27 20.71 12.05
CA THR A 177 -14.66 20.82 10.64
C THR A 177 -13.44 20.58 9.77
N VAL A 178 -13.56 19.67 8.81
CA VAL A 178 -12.48 19.37 7.89
C VAL A 178 -12.64 20.24 6.65
N SER A 179 -11.59 20.99 6.30
CA SER A 179 -11.64 21.89 5.17
C SER A 179 -10.45 21.62 4.26
N HIS A 180 -10.59 22.08 3.02
CA HIS A 180 -9.60 21.89 1.98
C HIS A 180 -9.34 23.25 1.34
N GLN A 181 -8.07 23.57 1.10
CA GLN A 181 -7.70 24.88 0.60
C GLN A 181 -7.83 24.95 -0.92
N GLY A 182 -8.54 25.98 -1.40
CA GLY A 182 -8.80 26.13 -2.80
C GLY A 182 -7.65 26.82 -3.51
N PRO A 183 -7.79 26.95 -4.84
CA PRO A 183 -6.69 27.51 -5.63
C PRO A 183 -6.38 28.94 -5.26
N ASP A 184 -7.42 29.72 -4.96
CA ASP A 184 -7.23 31.07 -4.42
C ASP A 184 -6.39 31.05 -3.14
N GLY A 185 -6.65 30.10 -2.25
CA GLY A 185 -6.19 30.17 -0.89
C GLY A 185 -7.33 30.28 0.10
N THR A 186 -8.55 30.38 -0.38
CA THR A 186 -9.73 30.19 0.44
C THR A 186 -9.85 28.72 0.86
N TRP A 187 -10.42 28.50 2.04
CA TRP A 187 -10.70 27.16 2.53
C TRP A 187 -12.18 26.85 2.40
N THR A 188 -12.49 25.65 1.92
CA THR A 188 -13.87 25.21 1.80
C THR A 188 -14.07 23.93 2.61
N ALA A 189 -15.15 23.90 3.39
CA ALA A 189 -15.44 22.70 4.17
C ALA A 189 -15.61 21.48 3.27
N VAL A 190 -15.17 20.33 3.77
CA VAL A 190 -15.53 19.04 3.19
C VAL A 190 -16.63 18.36 3.99
N TYR A 191 -16.43 18.23 5.30
CA TYR A 191 -17.49 17.80 6.19
C TYR A 191 -17.09 18.20 7.60
N ARG A 192 -18.09 18.26 8.48
CA ARG A 192 -17.86 18.36 9.91
C ARG A 192 -18.32 17.08 10.57
N TYR A 193 -17.84 16.84 11.79
CA TYR A 193 -18.23 15.65 12.53
C TYR A 193 -18.48 15.99 13.99
N ARG A 194 -19.07 15.02 14.69
CA ARG A 194 -19.31 15.05 16.13
C ARG A 194 -18.55 13.88 16.73
N ASP A 195 -17.83 14.14 17.82
CA ASP A 195 -17.09 13.06 18.47
C ASP A 195 -18.03 12.29 19.40
N GLU A 196 -18.88 11.47 18.78
CA GLU A 196 -19.87 10.66 19.47
C GLU A 196 -19.81 9.24 18.93
N PRO A 197 -19.11 8.33 19.62
CA PRO A 197 -18.94 6.96 19.10
C PRO A 197 -20.26 6.32 18.68
N GLN A 198 -20.27 5.73 17.49
CA GLN A 198 -21.45 5.09 16.93
C GLN A 198 -21.27 3.58 16.92
N GLN A 199 -22.36 2.87 17.20
CA GLN A 199 -22.50 1.46 16.87
C GLN A 199 -23.64 1.32 15.85
N ARG A 200 -23.90 0.08 15.41
CA ARG A 200 -24.86 -0.11 14.33
C ARG A 200 -26.21 0.49 14.66
N ALA A 201 -26.66 0.34 15.91
CA ALA A 201 -27.97 0.85 16.30
C ALA A 201 -28.03 2.37 16.17
N ASP A 202 -26.90 3.06 16.29
CA ASP A 202 -26.90 4.51 16.29
C ASP A 202 -27.01 5.10 14.88
N TYR A 203 -26.54 4.40 13.84
CA TYR A 203 -26.63 4.96 12.50
C TYR A 203 -27.59 4.22 11.59
N GLU A 204 -28.27 3.19 12.10
CA GLU A 204 -29.29 2.49 11.34
C GLU A 204 -30.32 3.42 10.70
N TRP A 205 -30.67 4.52 11.38
CA TRP A 205 -31.70 5.43 10.89
C TRP A 205 -31.43 5.92 9.47
N ILE A 206 -30.15 5.99 9.07
CA ILE A 206 -29.79 6.53 7.76
C ILE A 206 -30.56 5.83 6.64
N ILE A 207 -30.79 4.53 6.78
CA ILE A 207 -31.46 3.77 5.73
C ILE A 207 -32.89 4.29 5.54
N ASP A 208 -33.64 4.39 6.63
CA ASP A 208 -35.00 4.92 6.57
C ASP A 208 -35.02 6.38 6.12
N PHE A 209 -34.01 7.17 6.48
CA PHE A 209 -33.99 8.54 6.00
C PHE A 209 -33.98 8.59 4.48
N HIS A 210 -33.20 7.72 3.84
CA HIS A 210 -33.09 7.79 2.39
C HIS A 210 -34.24 7.08 1.70
N LYS A 211 -34.85 6.09 2.36
CA LYS A 211 -36.10 5.52 1.87
C LYS A 211 -37.20 6.57 1.86
N SER A 212 -37.32 7.31 2.96
CA SER A 212 -38.35 8.33 3.14
C SER A 212 -38.07 9.59 2.32
N ALA A 213 -36.85 9.78 1.88
CA ALA A 213 -36.47 11.05 1.27
C ALA A 213 -37.14 11.22 -0.08
N GLU A 214 -37.58 12.45 -0.35
CA GLU A 214 -37.86 12.83 -1.73
C GLU A 214 -36.55 13.19 -2.42
N ASP A 215 -36.32 12.61 -3.59
CA ASP A 215 -35.12 12.91 -4.39
C ASP A 215 -33.85 12.74 -3.56
N SER A 216 -33.61 11.51 -3.12
CA SER A 216 -32.35 11.22 -2.44
C SER A 216 -31.20 11.27 -3.45
N PRO A 217 -30.08 11.93 -3.11
CA PRO A 217 -28.95 12.01 -4.05
C PRO A 217 -28.31 10.66 -4.34
N LEU A 218 -28.57 9.64 -3.52
CA LEU A 218 -27.98 8.33 -3.70
C LEU A 218 -28.88 7.38 -4.48
N VAL A 219 -29.97 7.89 -5.06
CA VAL A 219 -30.92 7.10 -5.84
C VAL A 219 -31.08 7.77 -7.19
N GLY A 220 -31.17 6.97 -8.26
CA GLY A 220 -31.37 7.52 -9.58
C GLY A 220 -30.19 8.28 -10.16
N THR A 221 -28.98 8.08 -9.63
CA THR A 221 -27.80 8.81 -10.09
C THR A 221 -26.64 7.84 -10.31
N LEU A 222 -25.64 8.30 -11.06
CA LEU A 222 -24.40 7.56 -11.21
C LEU A 222 -23.30 8.29 -10.47
N LEU A 223 -22.80 7.67 -9.41
CA LEU A 223 -21.79 8.26 -8.53
C LEU A 223 -20.73 7.21 -8.30
N CYS A 224 -19.52 7.45 -8.82
CA CYS A 224 -18.45 6.51 -8.55
C CYS A 224 -17.11 7.23 -8.66
N SER A 225 -16.11 6.69 -7.98
CA SER A 225 -14.83 7.37 -7.96
C SER A 225 -13.74 6.37 -7.56
N ARG A 226 -12.50 6.76 -7.83
CA ARG A 226 -11.34 5.89 -7.59
C ARG A 226 -10.13 6.74 -7.28
N ASN A 227 -9.52 6.52 -6.12
CA ASN A 227 -8.25 7.16 -5.79
C ASN A 227 -7.15 6.63 -6.71
N VAL A 228 -6.26 7.51 -7.12
CA VAL A 228 -5.09 7.09 -7.89
C VAL A 228 -3.88 7.68 -7.17
N PRO A 229 -2.65 7.27 -7.48
CA PRO A 229 -1.50 7.91 -6.84
C PRO A 229 -1.50 9.40 -7.16
N ASP A 230 -1.47 10.22 -6.10
CA ASP A 230 -1.47 11.68 -6.20
C ASP A 230 -2.81 12.27 -6.60
N GLY A 231 -3.90 11.50 -6.59
CA GLY A 231 -5.18 12.12 -6.87
C GLY A 231 -6.39 11.21 -6.84
N LYS A 232 -7.39 11.53 -7.67
CA LYS A 232 -8.65 10.81 -7.63
C LYS A 232 -9.44 11.14 -8.89
N LEU A 233 -10.09 10.13 -9.47
CA LEU A 233 -11.05 10.31 -10.56
C LEU A 233 -12.46 10.17 -10.01
N ILE A 234 -13.30 11.17 -10.26
CA ILE A 234 -14.66 11.22 -9.72
C ILE A 234 -15.65 11.40 -10.86
N MET A 235 -16.59 10.47 -11.01
CA MET A 235 -17.65 10.62 -11.99
C MET A 235 -18.98 10.90 -11.30
N ILE A 236 -19.57 12.06 -11.62
CA ILE A 236 -20.87 12.47 -11.10
C ILE A 236 -21.78 12.72 -12.29
N GLY A 237 -22.61 11.75 -12.61
CA GLY A 237 -23.45 11.85 -13.79
C GLY A 237 -22.58 11.98 -15.04
N GLU A 238 -22.80 13.07 -15.76
CA GLU A 238 -22.14 13.34 -17.03
C GLU A 238 -20.88 14.17 -16.87
N ASN A 239 -20.39 14.34 -15.65
CA ASN A 239 -19.19 15.12 -15.38
C ASN A 239 -18.14 14.26 -14.72
N LEU A 240 -16.88 14.51 -15.10
CA LEU A 240 -15.72 13.87 -14.51
C LEU A 240 -14.84 14.93 -13.90
N LEU A 241 -14.52 14.77 -12.61
CA LEU A 241 -13.52 15.60 -11.97
C LEU A 241 -12.21 14.81 -11.88
N HIS A 242 -11.13 15.39 -12.40
CA HIS A 242 -9.83 14.77 -12.32
C HIS A 242 -9.01 15.57 -11.32
N ALA A 243 -8.86 15.03 -10.11
CA ALA A 243 -8.02 15.64 -9.11
C ALA A 243 -6.61 15.05 -9.23
N ARG A 244 -5.61 15.93 -9.29
CA ARG A 244 -4.24 15.45 -9.48
C ARG A 244 -3.28 16.53 -8.99
N ASN A 245 -2.50 16.20 -7.95
CA ASN A 245 -1.35 17.00 -7.55
C ASN A 245 -1.71 18.46 -7.31
N GLY A 246 -2.73 18.69 -6.49
CA GLY A 246 -3.13 20.04 -6.13
C GLY A 246 -4.03 20.74 -7.14
N ARG A 247 -4.38 20.09 -8.23
CA ARG A 247 -5.22 20.69 -9.27
C ARG A 247 -6.39 19.76 -9.56
N VAL A 248 -7.52 20.35 -9.91
CA VAL A 248 -8.70 19.61 -10.32
C VAL A 248 -9.15 20.13 -11.67
N SER A 249 -9.43 19.24 -12.60
CA SER A 249 -10.03 19.64 -13.86
C SER A 249 -11.37 18.94 -14.03
N ALA A 250 -12.20 19.50 -14.91
CA ALA A 250 -13.54 18.98 -15.13
C ALA A 250 -13.72 18.70 -16.60
N GLU A 251 -14.50 17.66 -16.88
CA GLU A 251 -14.80 17.30 -18.26
C GLU A 251 -16.27 16.90 -18.34
N PHE A 252 -16.99 17.49 -19.28
CA PHE A 252 -18.35 17.04 -19.59
C PHE A 252 -18.29 15.81 -20.48
N ILE A 253 -18.86 14.70 -20.01
CA ILE A 253 -18.83 13.45 -20.76
C ILE A 253 -19.98 13.45 -21.75
N GLU A 254 -19.65 13.37 -23.04
CA GLU A 254 -20.64 13.56 -24.11
C GLU A 254 -21.19 12.28 -24.69
N THR A 255 -20.41 11.20 -24.72
CA THR A 255 -20.83 9.95 -25.35
C THR A 255 -20.73 8.79 -24.36
N THR A 256 -21.57 7.78 -24.56
CA THR A 256 -21.42 6.53 -23.84
C THR A 256 -20.06 5.92 -24.07
N SER A 257 -19.49 6.10 -25.27
CA SER A 257 -18.15 5.58 -25.53
C SER A 257 -17.14 6.20 -24.57
N ARG A 258 -17.22 7.52 -24.38
CA ARG A 258 -16.29 8.18 -23.47
C ARG A 258 -16.60 7.83 -22.02
N ALA A 259 -17.87 7.69 -21.68
CA ALA A 259 -18.22 7.26 -20.32
C ALA A 259 -17.63 5.89 -20.01
N GLU A 260 -17.72 4.94 -20.95
CA GLU A 260 -17.20 3.60 -20.73
C GLU A 260 -15.68 3.60 -20.60
N GLU A 261 -14.98 4.36 -21.44
CA GLU A 261 -13.55 4.59 -21.27
C GLU A 261 -13.21 4.96 -19.82
N LEU A 262 -13.89 5.96 -19.29
CA LEU A 262 -13.59 6.44 -17.95
C LEU A 262 -14.01 5.42 -16.89
N LEU A 263 -15.16 4.77 -17.07
CA LEU A 263 -15.58 3.77 -16.10
C LEU A 263 -14.63 2.57 -16.07
N ARG A 264 -13.97 2.26 -17.19
CA ARG A 264 -12.99 1.18 -17.17
C ARG A 264 -11.78 1.56 -16.32
N VAL A 265 -11.44 2.84 -16.24
CA VAL A 265 -10.37 3.26 -15.35
C VAL A 265 -10.84 3.26 -13.89
N ILE A 266 -11.96 3.93 -13.62
CA ILE A 266 -12.48 3.99 -12.25
C ILE A 266 -12.68 2.58 -11.70
N PHE A 267 -13.10 1.65 -12.55
CA PHE A 267 -13.33 0.27 -12.14
C PHE A 267 -12.22 -0.68 -12.60
N ALA A 268 -11.00 -0.18 -12.81
CA ALA A 268 -9.87 -1.03 -13.13
C ALA A 268 -9.71 -2.11 -12.08
N GLY A 269 -9.43 -3.34 -12.53
CA GLY A 269 -9.45 -4.48 -11.64
C GLY A 269 -10.82 -4.93 -11.19
N HIS A 270 -11.88 -4.23 -11.60
CA HIS A 270 -13.26 -4.59 -11.28
C HIS A 270 -14.08 -4.63 -12.57
N GLU A 271 -13.55 -5.29 -13.58
CA GLU A 271 -14.13 -5.24 -14.91
C GLU A 271 -15.52 -5.87 -14.95
N HIS A 272 -15.83 -6.77 -14.01
CA HIS A 272 -17.18 -7.33 -13.94
C HIS A 272 -18.24 -6.28 -13.58
N MET A 273 -17.82 -5.10 -13.14
CA MET A 273 -18.80 -4.08 -12.79
C MET A 273 -19.08 -3.10 -13.91
N VAL A 274 -18.32 -3.16 -15.01
CA VAL A 274 -18.34 -2.06 -15.98
C VAL A 274 -19.67 -2.02 -16.73
N GLU A 275 -20.14 -3.16 -17.23
CA GLU A 275 -21.33 -3.12 -18.08
C GLU A 275 -22.54 -2.62 -17.31
N SER A 276 -22.67 -3.01 -16.03
CA SER A 276 -23.72 -2.47 -15.18
C SER A 276 -23.54 -0.97 -14.96
N ALA A 277 -22.30 -0.54 -14.71
CA ALA A 277 -22.04 0.90 -14.53
C ALA A 277 -22.41 1.68 -15.80
N VAL A 278 -22.03 1.17 -16.97
CA VAL A 278 -22.35 1.85 -18.22
C VAL A 278 -23.86 1.92 -18.43
N ARG A 279 -24.55 0.80 -18.24
CA ARG A 279 -26.00 0.78 -18.30
C ARG A 279 -26.60 1.82 -17.35
N THR A 280 -26.13 1.84 -16.10
CA THR A 280 -26.60 2.81 -15.13
C THR A 280 -26.32 4.23 -15.57
N TRP A 281 -25.15 4.47 -16.20
CA TRP A 281 -24.81 5.81 -16.66
C TRP A 281 -25.79 6.29 -17.74
N GLU A 282 -26.12 5.41 -18.69
CA GLU A 282 -27.07 5.77 -19.73
C GLU A 282 -28.48 5.97 -19.16
N LYS A 283 -28.95 5.05 -18.33
CA LYS A 283 -30.27 5.20 -17.73
C LYS A 283 -30.41 6.53 -17.01
N ALA A 284 -29.36 6.97 -16.31
CA ALA A 284 -29.44 8.20 -15.55
C ALA A 284 -29.34 9.43 -16.44
N ARG A 285 -28.54 9.38 -17.51
CA ARG A 285 -28.50 10.48 -18.45
C ARG A 285 -29.86 10.65 -19.14
N ALA A 286 -30.43 9.54 -19.60
CA ALA A 286 -31.73 9.59 -20.26
C ALA A 286 -32.80 10.08 -19.29
N ASP A 287 -32.81 9.57 -18.07
CA ASP A 287 -33.85 9.88 -17.09
C ASP A 287 -33.72 11.29 -16.53
N ARG A 288 -32.96 12.16 -17.21
CA ARG A 288 -32.90 13.57 -16.88
C ARG A 288 -32.96 14.43 -18.14
N SER A 289 -33.60 13.94 -19.19
CA SER A 289 -33.76 14.70 -20.44
C SER A 289 -35.23 14.93 -20.74
N SER B 21 7.91 -8.44 -23.15
CA SER B 21 6.56 -8.03 -22.73
C SER B 21 5.88 -9.08 -21.86
N LEU B 22 6.46 -9.30 -20.67
CA LEU B 22 5.90 -10.22 -19.69
C LEU B 22 4.50 -9.76 -19.25
N PRO B 23 3.70 -10.68 -18.65
CA PRO B 23 2.33 -10.30 -18.25
C PRO B 23 2.30 -9.58 -16.90
N TRP B 24 2.47 -8.26 -16.93
CA TRP B 24 2.75 -7.50 -15.72
C TRP B 24 1.55 -7.44 -14.77
N ARG B 25 0.33 -7.69 -15.25
CA ARG B 25 -0.81 -7.75 -14.33
C ARG B 25 -0.62 -8.83 -13.27
N GLU B 26 -0.04 -9.97 -13.66
CA GLU B 26 0.19 -11.03 -12.68
C GLU B 26 1.28 -10.63 -11.69
N TYR B 27 2.30 -9.91 -12.16
CA TYR B 27 3.35 -9.39 -11.28
C TYR B 27 2.75 -8.44 -10.24
N LEU B 28 1.91 -7.51 -10.67
CA LEU B 28 1.32 -6.54 -9.73
C LEU B 28 0.44 -7.23 -8.71
N GLU B 29 -0.32 -8.24 -9.13
CA GLU B 29 -1.07 -9.08 -8.20
C GLU B 29 -0.14 -9.74 -7.19
N ARG B 30 1.02 -10.24 -7.64
CA ARG B 30 1.95 -10.92 -6.74
C ARG B 30 2.51 -9.97 -5.66
N ILE B 31 2.71 -8.70 -5.97
CA ILE B 31 3.18 -7.75 -4.96
C ILE B 31 2.01 -6.97 -4.35
N GLY B 32 0.79 -7.41 -4.63
CA GLY B 32 -0.37 -6.82 -3.96
C GLY B 32 -0.75 -5.41 -4.40
N TYR B 33 -0.13 -4.88 -5.45
CA TYR B 33 -0.49 -3.55 -5.96
C TYR B 33 -1.73 -3.68 -6.82
N GLN B 34 -2.89 -3.27 -6.30
CA GLN B 34 -4.14 -3.42 -7.02
C GLN B 34 -4.72 -2.08 -7.45
N GLY B 35 -3.89 -1.05 -7.54
CA GLY B 35 -4.36 0.26 -7.93
C GLY B 35 -3.97 0.61 -9.35
N LEU B 36 -4.28 1.85 -9.73
CA LEU B 36 -3.93 2.39 -11.02
C LEU B 36 -2.46 2.81 -11.03
N LEU B 37 -1.88 2.87 -12.23
CA LEU B 37 -0.49 3.29 -12.41
C LEU B 37 -0.44 4.66 -13.09
N ASN B 38 0.47 5.50 -12.61
CA ASN B 38 0.97 6.64 -13.36
C ASN B 38 2.44 6.79 -13.03
N ASN B 39 3.08 7.85 -13.53
CA ASN B 39 4.51 7.98 -13.35
C ASN B 39 4.85 9.04 -12.32
N SER B 40 3.93 9.33 -11.42
CA SER B 40 4.23 10.21 -10.31
C SER B 40 5.21 9.54 -9.34
N LEU B 41 5.93 10.38 -8.58
CA LEU B 41 6.72 9.87 -7.48
C LEU B 41 5.86 9.06 -6.51
N GLU B 42 4.62 9.50 -6.28
CA GLU B 42 3.75 8.80 -5.34
C GLU B 42 3.49 7.38 -5.81
N CYS B 43 3.23 7.18 -7.10
CA CYS B 43 3.09 5.83 -7.63
C CYS B 43 4.36 5.01 -7.37
N LEU B 44 5.53 5.58 -7.68
CA LEU B 44 6.80 4.88 -7.46
C LEU B 44 6.96 4.45 -6.02
N ARG B 45 6.66 5.35 -5.07
CA ARG B 45 6.72 5.02 -3.66
C ARG B 45 5.81 3.85 -3.31
N GLU B 46 4.58 3.85 -3.84
CA GLU B 46 3.62 2.80 -3.50
C GLU B 46 4.04 1.46 -4.09
N LEU B 47 4.56 1.46 -5.31
CA LEU B 47 5.11 0.22 -5.89
C LEU B 47 6.26 -0.31 -5.07
N TYR B 48 7.16 0.57 -4.62
CA TYR B 48 8.31 0.14 -3.82
C TYR B 48 7.84 -0.50 -2.52
N THR B 49 6.97 0.19 -1.80
CA THR B 49 6.42 -0.32 -0.56
C THR B 49 5.73 -1.67 -0.77
N ALA B 50 4.94 -1.78 -1.84
CA ALA B 50 4.23 -3.04 -2.09
C ALA B 50 5.21 -4.19 -2.30
N HIS B 51 6.28 -3.97 -3.09
CA HIS B 51 7.28 -5.04 -3.28
C HIS B 51 7.90 -5.44 -1.95
N LEU B 52 8.37 -4.47 -1.18
CA LEU B 52 9.12 -4.77 0.04
C LEU B 52 8.25 -5.51 1.06
N ARG B 53 6.97 -5.12 1.17
CA ARG B 53 6.13 -5.77 2.18
C ARG B 53 5.64 -7.15 1.73
N SER B 54 5.54 -7.39 0.42
CA SER B 54 4.95 -8.60 -0.14
C SER B 54 5.97 -9.68 -0.46
N VAL B 55 7.23 -9.34 -0.62
CA VAL B 55 8.25 -10.27 -1.11
C VAL B 55 9.37 -10.37 -0.08
N PRO B 56 9.53 -11.50 0.62
CA PRO B 56 10.69 -11.65 1.50
C PRO B 56 11.97 -11.81 0.68
N TYR B 57 13.08 -11.37 1.27
CA TYR B 57 14.40 -11.69 0.77
C TYR B 57 14.72 -13.12 1.17
N GLU B 58 15.16 -13.94 0.20
CA GLU B 58 15.61 -15.27 0.58
C GLU B 58 16.59 -15.83 -0.45
N MET B 59 17.46 -16.70 0.03
CA MET B 59 18.55 -17.28 -0.74
C MET B 59 18.53 -18.80 -0.63
N LEU B 60 17.33 -19.39 -0.53
CA LEU B 60 17.22 -20.81 -0.20
C LEU B 60 17.84 -21.69 -1.29
N ASP B 61 17.73 -21.28 -2.56
CA ASP B 61 18.22 -22.11 -3.65
C ASP B 61 19.73 -22.13 -3.75
N SER B 62 20.39 -21.03 -3.39
CA SER B 62 21.83 -20.96 -3.51
C SER B 62 22.56 -21.52 -2.30
N PHE B 63 21.82 -21.86 -1.22
CA PHE B 63 22.41 -22.55 -0.08
C PHE B 63 23.10 -23.84 -0.51
N ASP B 64 22.59 -24.48 -1.57
CA ASP B 64 23.17 -25.70 -2.11
C ASP B 64 24.57 -25.48 -2.67
N GLY B 65 24.86 -24.27 -3.14
CA GLY B 65 25.88 -24.02 -4.11
C GLY B 65 25.36 -23.78 -5.50
N THR B 66 24.03 -23.83 -5.69
CA THR B 66 23.42 -23.68 -7.01
C THR B 66 23.40 -22.21 -7.43
N PRO B 67 23.87 -21.88 -8.63
CA PRO B 67 23.79 -20.49 -9.08
C PRO B 67 22.37 -20.11 -9.40
N PRO B 68 22.00 -18.84 -9.20
CA PRO B 68 20.65 -18.40 -9.58
C PRO B 68 20.60 -18.10 -11.06
N VAL B 69 19.48 -18.43 -11.68
CA VAL B 69 19.32 -18.15 -13.09
C VAL B 69 18.98 -16.68 -13.25
N LEU B 70 19.68 -16.01 -14.17
CA LEU B 70 19.30 -14.67 -14.57
C LEU B 70 18.34 -14.77 -15.76
N GLY B 71 17.84 -13.62 -16.20
CA GLY B 71 16.82 -13.63 -17.23
C GLY B 71 15.46 -13.31 -16.66
N HIS B 72 14.74 -12.40 -17.31
CA HIS B 72 13.49 -11.91 -16.77
C HIS B 72 12.41 -12.99 -16.74
N ALA B 73 12.33 -13.81 -17.79
CA ALA B 73 11.30 -14.85 -17.82
C ALA B 73 11.46 -15.82 -16.67
N GLU B 74 12.70 -16.16 -16.31
CA GLU B 74 12.89 -17.12 -15.22
C GLU B 74 12.75 -16.49 -13.84
N SER B 75 13.16 -15.22 -13.68
CA SER B 75 12.91 -14.55 -12.40
C SER B 75 11.42 -14.36 -12.17
N PHE B 76 10.71 -14.01 -13.25
CA PHE B 76 9.26 -13.80 -13.21
C PHE B 76 8.52 -15.08 -12.82
N ALA B 77 8.92 -16.21 -13.42
CA ALA B 77 8.27 -17.48 -13.11
C ALA B 77 8.51 -17.90 -11.67
N LYS B 78 9.72 -17.71 -11.18
CA LYS B 78 10.02 -18.06 -9.80
C LYS B 78 9.30 -17.13 -8.82
N LEU B 79 9.37 -15.81 -9.06
CA LEU B 79 8.75 -14.86 -8.14
C LEU B 79 7.22 -14.96 -8.21
N VAL B 80 6.66 -14.95 -9.43
CA VAL B 80 5.23 -14.79 -9.61
C VAL B 80 4.49 -16.12 -9.59
N HIS B 81 4.99 -17.12 -10.32
CA HIS B 81 4.22 -18.35 -10.44
C HIS B 81 4.48 -19.31 -9.28
N ARG B 82 5.71 -19.38 -8.77
CA ARG B 82 5.99 -20.26 -7.65
C ARG B 82 5.95 -19.52 -6.31
N ARG B 83 5.72 -18.19 -6.34
CA ARG B 83 5.56 -17.39 -5.11
C ARG B 83 6.75 -17.58 -4.20
N ARG B 84 7.95 -17.53 -4.78
CA ARG B 84 9.19 -17.54 -4.04
C ARG B 84 9.55 -16.12 -3.62
N GLY B 85 10.59 -15.99 -2.81
CA GLY B 85 11.10 -14.70 -2.39
C GLY B 85 12.10 -14.15 -3.38
N GLY B 86 12.75 -13.06 -2.99
CA GLY B 86 13.60 -12.32 -3.90
C GLY B 86 15.01 -12.14 -3.37
N ASN B 87 15.84 -11.54 -4.20
CA ASN B 87 17.22 -11.17 -3.86
C ASN B 87 17.72 -10.26 -4.97
N CYS B 88 18.97 -9.82 -4.84
CA CYS B 88 19.44 -8.75 -5.70
C CYS B 88 19.47 -9.17 -7.16
N LEU B 89 19.95 -10.37 -7.46
CA LEU B 89 20.11 -10.76 -8.86
C LEU B 89 18.79 -11.11 -9.52
N GLU B 90 17.83 -11.61 -8.76
CA GLU B 90 16.56 -12.04 -9.34
C GLU B 90 15.50 -10.95 -9.28
N SER B 91 15.40 -10.25 -8.16
CA SER B 91 14.32 -9.30 -7.96
C SER B 91 14.61 -7.92 -8.55
N THR B 92 15.82 -7.39 -8.34
CA THR B 92 16.05 -5.98 -8.67
C THR B 92 16.03 -5.72 -10.16
N PRO B 93 16.71 -6.51 -11.02
CA PRO B 93 16.56 -6.26 -12.47
C PRO B 93 15.14 -6.49 -12.96
N LEU B 94 14.41 -7.46 -12.40
CA LEU B 94 13.05 -7.68 -12.83
C LEU B 94 12.18 -6.46 -12.52
N PHE B 95 12.31 -5.94 -11.29
CA PHE B 95 11.56 -4.76 -10.90
C PHE B 95 11.92 -3.57 -11.79
N GLY B 96 13.21 -3.37 -12.06
CA GLY B 96 13.60 -2.29 -12.94
C GLY B 96 12.99 -2.42 -14.32
N GLU B 97 12.96 -3.65 -14.84
CA GLU B 97 12.31 -3.89 -16.13
C GLU B 97 10.82 -3.60 -16.05
N PHE B 98 10.17 -3.98 -14.95
CA PHE B 98 8.76 -3.61 -14.78
C PHE B 98 8.60 -2.10 -14.82
N LEU B 99 9.42 -1.38 -14.05
CA LEU B 99 9.26 0.08 -13.98
C LEU B 99 9.48 0.71 -15.35
N ARG B 100 10.47 0.22 -16.09
CA ARG B 100 10.72 0.71 -17.45
C ARG B 100 9.48 0.56 -18.33
N GLN B 101 8.87 -0.63 -18.32
CA GLN B 101 7.71 -0.87 -19.17
C GLN B 101 6.47 -0.14 -18.68
N ALA B 102 6.45 0.32 -17.42
CA ALA B 102 5.39 1.17 -16.90
C ALA B 102 5.65 2.65 -17.14
N GLY B 103 6.70 3.00 -17.89
CA GLY B 103 6.95 4.36 -18.29
C GLY B 103 7.92 5.14 -17.43
N PHE B 104 8.59 4.52 -16.46
CA PHE B 104 9.57 5.25 -15.67
C PHE B 104 10.94 5.24 -16.37
N GLU B 105 11.72 6.27 -16.09
CA GLU B 105 13.11 6.32 -16.54
C GLU B 105 13.99 5.69 -15.46
N VAL B 106 14.65 4.59 -15.80
CA VAL B 106 15.26 3.67 -14.85
C VAL B 106 16.65 3.29 -15.33
N ARG B 107 17.61 3.24 -14.42
CA ARG B 107 18.88 2.59 -14.71
C ARG B 107 19.29 1.72 -13.54
N LEU B 108 20.05 0.67 -13.85
CA LEU B 108 20.50 -0.32 -12.89
C LEU B 108 22.00 -0.16 -12.70
N VAL B 109 22.47 -0.09 -11.45
CA VAL B 109 23.87 0.26 -11.19
C VAL B 109 24.52 -0.70 -10.20
N PRO B 110 25.83 -0.91 -10.27
CA PRO B 110 26.51 -1.82 -9.33
C PRO B 110 26.81 -1.16 -8.00
N ALA B 111 26.94 -2.00 -6.98
CA ALA B 111 27.13 -1.52 -5.63
C ALA B 111 28.03 -2.48 -4.86
N GLN B 112 28.65 -1.95 -3.80
CA GLN B 112 29.54 -2.70 -2.93
C GLN B 112 29.07 -2.51 -1.49
N ILE B 113 28.89 -3.61 -0.77
CA ILE B 113 28.24 -3.60 0.53
C ILE B 113 29.28 -3.43 1.64
N TRP B 114 28.89 -2.72 2.70
CA TRP B 114 29.71 -2.55 3.90
C TRP B 114 29.45 -3.68 4.89
N LYS B 115 30.53 -4.29 5.40
CA LYS B 115 30.40 -5.33 6.40
C LYS B 115 30.13 -4.76 7.79
N VAL B 116 29.24 -5.42 8.55
CA VAL B 116 28.98 -5.00 9.93
C VAL B 116 30.29 -4.94 10.72
N SER B 117 31.21 -5.85 10.40
CA SER B 117 32.53 -5.92 11.05
C SER B 117 33.36 -4.64 10.85
N GLY B 118 33.03 -3.82 9.86
CA GLY B 118 33.80 -2.62 9.62
C GLY B 118 34.75 -2.63 8.44
N GLU B 119 34.33 -3.14 7.29
CA GLU B 119 35.13 -3.12 6.08
C GLU B 119 34.23 -3.41 4.89
N TRP B 120 34.75 -3.15 3.68
CA TRP B 120 34.02 -3.43 2.45
C TRP B 120 34.08 -4.91 2.12
N TRP B 121 32.96 -5.46 1.64
CA TRP B 121 33.04 -6.74 0.94
C TRP B 121 33.86 -6.57 -0.32
N ASP B 122 34.54 -7.65 -0.74
CA ASP B 122 35.51 -7.57 -1.81
C ASP B 122 34.88 -7.24 -3.15
N ALA B 123 33.74 -7.85 -3.46
CA ALA B 123 33.14 -7.76 -4.78
C ALA B 123 32.09 -6.65 -4.86
N TRP B 124 31.97 -6.03 -6.04
CA TRP B 124 30.88 -5.13 -6.38
C TRP B 124 29.69 -5.95 -6.92
N ASP B 125 29.17 -6.86 -6.09
CA ASP B 125 28.17 -7.81 -6.56
C ASP B 125 26.75 -7.47 -6.11
N HIS B 126 26.49 -6.22 -5.72
CA HIS B 126 25.13 -5.79 -5.42
C HIS B 126 24.65 -4.91 -6.57
N LEU B 127 23.34 -4.66 -6.61
CA LEU B 127 22.75 -3.82 -7.67
C LEU B 127 21.69 -2.92 -7.07
N LEU B 128 21.60 -1.68 -7.58
CA LEU B 128 20.58 -0.74 -7.15
C LEU B 128 19.86 -0.23 -8.38
N LEU B 129 18.67 0.32 -8.18
CA LEU B 129 17.96 1.04 -9.24
C LEU B 129 18.03 2.54 -8.95
N ILE B 130 18.21 3.33 -10.00
CA ILE B 130 18.08 4.78 -9.92
C ILE B 130 16.96 5.17 -10.88
N VAL B 131 15.91 5.78 -10.35
CA VAL B 131 14.74 6.19 -11.13
C VAL B 131 14.70 7.71 -11.16
N THR B 132 14.56 8.27 -12.36
CA THR B 132 14.50 9.71 -12.56
C THR B 132 13.04 10.14 -12.69
N VAL B 133 12.60 11.01 -11.81
CA VAL B 133 11.24 11.51 -11.77
C VAL B 133 11.32 13.01 -11.75
N ASP B 134 10.87 13.66 -12.83
CA ASP B 134 10.84 15.12 -12.90
C ASP B 134 12.22 15.72 -12.63
N GLY B 135 13.21 15.19 -13.33
CA GLY B 135 14.56 15.70 -13.22
C GLY B 135 15.31 15.34 -11.95
N GLU B 136 14.71 14.61 -11.00
CA GLU B 136 15.42 14.16 -9.82
C GLU B 136 15.61 12.64 -9.83
N ASP B 137 16.74 12.19 -9.29
CA ASP B 137 17.08 10.78 -9.22
C ASP B 137 16.72 10.22 -7.84
N TRP B 138 16.12 9.03 -7.83
CA TRP B 138 15.72 8.33 -6.62
C TRP B 138 16.28 6.92 -6.59
N LEU B 139 16.85 6.51 -5.44
CA LEU B 139 17.40 5.16 -5.27
C LEU B 139 16.35 4.17 -4.75
N LEU B 140 16.36 2.95 -5.32
CA LEU B 140 15.45 1.89 -4.92
C LEU B 140 16.23 0.58 -4.81
N ASP B 141 15.91 -0.23 -3.80
CA ASP B 141 16.62 -1.50 -3.56
C ASP B 141 15.60 -2.56 -3.11
N VAL B 142 15.24 -3.48 -4.02
CA VAL B 142 14.32 -4.57 -3.69
C VAL B 142 15.07 -5.89 -3.62
N GLY B 143 16.36 -5.87 -3.31
CA GLY B 143 17.11 -7.12 -3.21
C GLY B 143 18.20 -7.11 -2.16
N PHE B 144 17.91 -6.60 -0.97
CA PHE B 144 18.91 -6.44 0.09
C PHE B 144 18.47 -7.19 1.34
N LEU B 145 19.41 -7.93 1.94
CA LEU B 145 19.10 -8.72 3.14
C LEU B 145 18.90 -7.84 4.37
N MET B 146 19.79 -6.88 4.57
CA MET B 146 19.86 -6.19 5.85
C MET B 146 19.03 -4.91 5.79
N LEU B 147 19.25 -4.02 6.75
CA LEU B 147 18.47 -2.78 6.82
C LEU B 147 18.93 -1.80 5.76
N THR B 148 17.98 -1.31 4.98
CA THR B 148 18.26 -0.18 4.10
C THR B 148 16.98 0.67 4.03
N PHE B 149 16.99 1.66 3.15
CA PHE B 149 15.85 2.57 3.05
C PHE B 149 14.67 1.84 2.42
N ALA B 150 13.50 1.94 3.06
CA ALA B 150 12.27 1.36 2.53
C ALA B 150 11.37 2.40 1.87
N GLU B 151 11.87 3.63 1.73
CA GLU B 151 11.25 4.68 0.94
C GLU B 151 12.30 5.13 -0.06
N PRO B 152 11.93 5.51 -1.28
CA PRO B 152 12.97 5.90 -2.25
C PRO B 152 13.84 6.99 -1.67
N LEU B 153 15.15 6.86 -1.89
CA LEU B 153 16.15 7.76 -1.34
C LEU B 153 16.56 8.73 -2.43
N LYS B 154 16.38 10.03 -2.17
CA LYS B 154 16.76 11.02 -3.16
C LYS B 154 18.28 11.13 -3.26
N VAL B 155 18.78 11.18 -4.49
CA VAL B 155 20.20 11.47 -4.69
C VAL B 155 20.37 12.98 -4.50
N ALA B 156 20.71 13.37 -3.29
CA ALA B 156 20.85 14.78 -2.93
C ALA B 156 21.55 14.81 -1.59
N GLU B 157 22.00 16.00 -1.21
CA GLU B 157 22.71 16.20 0.05
C GLU B 157 21.73 16.31 1.20
N GLY B 158 22.17 15.87 2.38
CA GLY B 158 21.41 16.07 3.58
C GLY B 158 20.72 14.81 4.05
N PRO B 159 20.45 14.75 5.36
CA PRO B 159 19.77 13.58 5.93
C PRO B 159 18.33 13.49 5.46
N GLN B 160 17.85 12.26 5.34
CA GLN B 160 16.47 11.99 4.95
C GLN B 160 15.90 11.04 5.96
N GLU B 161 14.87 11.48 6.70
CA GLU B 161 14.30 10.70 7.78
C GLU B 161 13.36 9.64 7.23
N GLN B 162 13.50 8.41 7.72
CA GLN B 162 12.62 7.32 7.31
C GLN B 162 12.48 6.36 8.47
N SER B 163 11.24 6.18 8.94
CA SER B 163 10.90 5.16 9.95
C SER B 163 11.74 5.30 11.21
N GLY B 164 12.11 6.53 11.57
CA GLY B 164 12.95 6.74 12.73
C GLY B 164 14.43 6.60 12.50
N TRP B 165 14.87 6.21 11.30
CA TRP B 165 16.27 6.35 10.93
C TRP B 165 16.44 7.58 10.04
N ARG B 166 17.67 8.08 9.99
CA ARG B 166 18.07 9.09 9.03
C ARG B 166 19.01 8.42 8.04
N PHE B 167 18.71 8.54 6.75
CA PHE B 167 19.56 8.03 5.68
C PHE B 167 20.18 9.19 4.92
N ARG B 168 21.23 8.91 4.17
CA ARG B 168 21.81 9.94 3.33
C ARG B 168 22.61 9.29 2.22
N VAL B 169 22.75 10.02 1.12
CA VAL B 169 23.77 9.76 0.10
C VAL B 169 24.80 10.86 0.19
N ALA B 170 26.08 10.48 0.24
CA ALA B 170 27.17 11.45 0.27
C ALA B 170 28.36 10.88 -0.48
N GLU B 171 29.09 11.78 -1.14
CA GLU B 171 30.34 11.38 -1.81
C GLU B 171 31.41 11.12 -0.77
N GLU B 172 31.97 9.91 -0.79
CA GLU B 172 32.94 9.47 0.21
C GLU B 172 34.02 8.68 -0.53
N GLU B 173 35.27 9.13 -0.39
CA GLU B 173 36.42 8.57 -1.10
C GLU B 173 36.11 8.30 -2.58
N GLY B 174 35.44 9.24 -3.24
CA GLY B 174 35.17 9.17 -4.66
C GLY B 174 33.90 8.45 -5.10
N PHE B 175 33.08 7.96 -4.16
CA PHE B 175 31.89 7.21 -4.53
C PHE B 175 30.65 7.74 -3.81
N PRO B 176 29.50 7.81 -4.48
CA PRO B 176 28.26 8.05 -3.74
C PRO B 176 28.00 6.90 -2.77
N THR B 177 27.84 7.25 -1.50
CA THR B 177 27.79 6.28 -0.42
C THR B 177 26.51 6.48 0.41
N VAL B 178 25.73 5.42 0.53
CA VAL B 178 24.52 5.42 1.35
C VAL B 178 24.88 5.03 2.78
N SER B 179 24.50 5.88 3.74
CA SER B 179 24.70 5.61 5.15
C SER B 179 23.41 5.88 5.92
N HIS B 180 23.32 5.33 7.12
CA HIS B 180 22.22 5.63 8.03
C HIS B 180 22.77 6.00 9.40
N GLN B 181 21.87 6.48 10.26
CA GLN B 181 22.29 7.00 11.55
C GLN B 181 21.17 6.86 12.59
N TRP B 187 27.03 7.98 11.54
CA TRP B 187 26.78 7.49 10.17
C TRP B 187 27.56 6.22 9.84
N THR B 188 26.82 5.13 9.69
CA THR B 188 27.33 3.83 9.25
C THR B 188 26.95 3.58 7.78
N ALA B 189 27.93 3.23 6.96
CA ALA B 189 27.67 2.94 5.57
C ALA B 189 26.79 1.69 5.41
N VAL B 190 25.95 1.70 4.39
CA VAL B 190 25.20 0.53 3.96
C VAL B 190 25.83 -0.08 2.71
N TYR B 191 26.00 0.73 1.68
CA TYR B 191 26.76 0.36 0.50
C TYR B 191 27.11 1.64 -0.25
N ARG B 192 28.10 1.53 -1.11
CA ARG B 192 28.37 2.58 -2.09
C ARG B 192 28.06 2.04 -3.47
N TYR B 193 27.88 2.94 -4.43
CA TYR B 193 27.58 2.52 -5.78
C TYR B 193 28.35 3.35 -6.79
N ARG B 194 28.29 2.92 -8.04
CA ARG B 194 28.90 3.59 -9.19
C ARG B 194 27.79 3.86 -10.18
N ASP B 195 27.72 5.09 -10.68
CA ASP B 195 26.68 5.46 -11.65
C ASP B 195 27.10 4.98 -13.05
N GLU B 196 27.04 3.67 -13.24
CA GLU B 196 27.40 3.03 -14.50
C GLU B 196 26.25 2.10 -14.87
N PRO B 197 25.36 2.51 -15.77
CA PRO B 197 24.20 1.68 -16.13
C PRO B 197 24.62 0.27 -16.56
N GLN B 198 23.88 -0.72 -16.05
CA GLN B 198 24.19 -2.13 -16.28
C GLN B 198 23.08 -2.80 -17.07
N GLN B 199 23.47 -3.74 -17.94
CA GLN B 199 22.60 -4.75 -18.50
C GLN B 199 23.10 -6.12 -18.05
N ARG B 200 22.35 -7.16 -18.38
CA ARG B 200 22.68 -8.50 -17.91
C ARG B 200 24.12 -8.91 -18.25
N ALA B 201 24.59 -8.55 -19.45
CA ALA B 201 25.95 -8.88 -19.84
C ALA B 201 26.97 -8.29 -18.87
N ASP B 202 26.68 -7.12 -18.30
CA ASP B 202 27.62 -6.44 -17.42
C ASP B 202 27.72 -7.02 -16.02
N TYR B 203 26.70 -7.75 -15.54
CA TYR B 203 26.80 -8.33 -14.21
C TYR B 203 26.76 -9.86 -14.19
N GLU B 204 26.83 -10.53 -15.33
CA GLU B 204 26.86 -11.99 -15.30
C GLU B 204 28.07 -12.53 -14.54
N TRP B 205 29.18 -11.81 -14.57
CA TRP B 205 30.39 -12.26 -13.87
C TRP B 205 30.12 -12.66 -12.43
N ILE B 206 29.05 -12.12 -11.81
CA ILE B 206 28.79 -12.37 -10.40
C ILE B 206 28.62 -13.87 -10.14
N ILE B 207 27.99 -14.58 -11.08
CA ILE B 207 27.74 -16.01 -10.88
C ILE B 207 29.04 -16.77 -10.73
N ASP B 208 29.95 -16.63 -11.70
CA ASP B 208 31.21 -17.36 -11.63
C ASP B 208 32.09 -16.84 -10.50
N PHE B 209 31.90 -15.59 -10.07
CA PHE B 209 32.63 -15.13 -8.89
C PHE B 209 32.27 -15.98 -7.68
N HIS B 210 30.98 -16.27 -7.49
CA HIS B 210 30.57 -16.99 -6.29
C HIS B 210 30.76 -18.50 -6.43
N LYS B 211 30.70 -19.04 -7.66
CA LYS B 211 31.09 -20.43 -7.84
C LYS B 211 32.56 -20.62 -7.52
N SER B 212 33.40 -19.67 -7.94
CA SER B 212 34.84 -19.76 -7.74
C SER B 212 35.27 -19.43 -6.32
N ALA B 213 34.43 -18.75 -5.54
CA ALA B 213 34.85 -18.35 -4.20
C ALA B 213 35.03 -19.57 -3.31
N GLU B 214 35.87 -19.43 -2.28
CA GLU B 214 36.11 -20.53 -1.36
C GLU B 214 35.09 -20.57 -0.24
N ASP B 215 34.90 -19.44 0.44
CA ASP B 215 33.87 -19.29 1.48
C ASP B 215 32.97 -18.13 1.05
N SER B 216 32.04 -18.42 0.16
CA SER B 216 31.04 -17.43 -0.21
C SER B 216 30.04 -17.27 0.94
N PRO B 217 29.75 -16.04 1.38
CA PRO B 217 28.69 -15.87 2.39
C PRO B 217 27.31 -16.25 1.88
N LEU B 218 27.16 -16.45 0.57
CA LEU B 218 25.89 -16.77 -0.05
C LEU B 218 25.66 -18.27 -0.17
N VAL B 219 26.60 -19.10 0.27
CA VAL B 219 26.45 -20.55 0.28
C VAL B 219 26.67 -21.04 1.70
N GLY B 220 25.84 -22.00 2.12
CA GLY B 220 26.04 -22.66 3.39
C GLY B 220 25.47 -21.96 4.61
N THR B 221 24.65 -20.94 4.43
CA THR B 221 24.04 -20.28 5.56
C THR B 221 22.62 -19.86 5.21
N LEU B 222 21.77 -19.76 6.23
CA LEU B 222 20.41 -19.31 6.02
C LEU B 222 20.37 -17.79 6.08
N LEU B 223 19.90 -17.16 5.00
CA LEU B 223 19.75 -15.71 4.93
C LEU B 223 18.34 -15.39 4.48
N CYS B 224 17.52 -14.80 5.35
CA CYS B 224 16.23 -14.33 4.89
C CYS B 224 15.78 -13.16 5.75
N SER B 225 14.90 -12.34 5.18
CA SER B 225 14.44 -11.13 5.86
C SER B 225 13.11 -10.70 5.25
N ARG B 226 12.39 -9.88 6.02
CA ARG B 226 11.08 -9.38 5.62
C ARG B 226 10.89 -7.99 6.20
N ASN B 227 10.54 -7.03 5.32
CA ASN B 227 10.17 -5.69 5.79
C ASN B 227 8.82 -5.77 6.50
N VAL B 228 8.70 -4.97 7.55
CA VAL B 228 7.44 -4.82 8.29
C VAL B 228 7.22 -3.31 8.40
N PRO B 229 6.03 -2.84 8.77
CA PRO B 229 5.85 -1.39 8.94
C PRO B 229 6.81 -0.82 9.98
N ASP B 230 7.57 0.18 9.54
CA ASP B 230 8.58 0.84 10.35
C ASP B 230 9.71 -0.08 10.78
N GLY B 231 9.98 -1.18 10.07
CA GLY B 231 11.19 -1.92 10.35
C GLY B 231 11.37 -3.15 9.49
N LYS B 232 12.16 -4.08 10.02
CA LYS B 232 12.61 -5.24 9.25
C LYS B 232 13.03 -6.35 10.22
N LEU B 233 12.66 -7.59 9.88
CA LEU B 233 13.13 -8.78 10.57
C LEU B 233 14.15 -9.47 9.68
N ILE B 234 15.35 -9.65 10.21
CA ILE B 234 16.48 -10.23 9.47
C ILE B 234 16.97 -11.47 10.20
N MET B 235 17.06 -12.60 9.48
CA MET B 235 17.63 -13.81 10.03
C MET B 235 18.93 -14.16 9.30
N ILE B 236 20.02 -14.28 10.05
CA ILE B 236 21.31 -14.70 9.51
C ILE B 236 21.76 -15.88 10.36
N GLY B 237 21.66 -17.09 9.81
CA GLY B 237 21.97 -18.26 10.61
C GLY B 237 21.10 -18.29 11.85
N GLU B 238 21.75 -18.37 13.01
CA GLU B 238 21.05 -18.43 14.27
C GLU B 238 20.82 -17.07 14.90
N ASN B 239 21.08 -15.98 14.16
CA ASN B 239 20.93 -14.61 14.66
C ASN B 239 19.68 -13.96 14.07
N LEU B 240 18.88 -13.34 14.92
CA LEU B 240 17.75 -12.52 14.49
C LEU B 240 18.03 -11.07 14.82
N LEU B 241 17.96 -10.21 13.80
CA LEU B 241 18.05 -8.77 13.99
C LEU B 241 16.66 -8.17 13.80
N HIS B 242 16.19 -7.46 14.79
CA HIS B 242 14.88 -6.84 14.73
C HIS B 242 15.12 -5.33 14.66
N ALA B 243 15.05 -4.80 13.43
CA ALA B 243 15.11 -3.36 13.21
C ALA B 243 13.71 -2.77 13.34
N ARG B 244 13.59 -1.73 14.15
CA ARG B 244 12.28 -1.10 14.37
C ARG B 244 12.49 0.31 14.87
N ASN B 245 11.94 1.28 14.13
CA ASN B 245 11.81 2.66 14.61
C ASN B 245 13.16 3.23 15.06
N GLY B 246 14.17 3.07 14.19
CA GLY B 246 15.48 3.65 14.45
C GLY B 246 16.41 2.81 15.30
N ARG B 247 15.97 1.66 15.78
CA ARG B 247 16.75 0.82 16.68
C ARG B 247 16.83 -0.59 16.08
N VAL B 248 17.92 -1.30 16.40
CA VAL B 248 18.08 -2.70 16.03
C VAL B 248 18.49 -3.50 17.27
N SER B 249 17.71 -4.52 17.59
CA SER B 249 18.06 -5.46 18.65
C SER B 249 18.53 -6.78 18.05
N ALA B 250 19.34 -7.51 18.82
CA ALA B 250 19.90 -8.78 18.38
C ALA B 250 19.44 -9.90 19.28
N GLU B 251 19.17 -11.06 18.68
CA GLU B 251 18.67 -12.22 19.41
C GLU B 251 19.34 -13.46 18.86
N PHE B 252 19.70 -14.39 19.73
CA PHE B 252 20.25 -15.68 19.34
C PHE B 252 19.13 -16.72 19.35
N ILE B 253 19.03 -17.50 18.30
CA ILE B 253 17.95 -18.49 18.15
C ILE B 253 18.49 -19.83 18.64
N GLU B 254 18.01 -20.27 19.81
CA GLU B 254 18.54 -21.49 20.43
C GLU B 254 17.95 -22.76 19.84
N THR B 255 16.63 -22.76 19.60
CA THR B 255 15.91 -23.97 19.24
C THR B 255 15.31 -23.87 17.84
N THR B 256 15.25 -25.03 17.18
CA THR B 256 14.49 -25.15 15.94
C THR B 256 13.08 -24.57 16.08
N SER B 257 12.47 -24.74 17.26
CA SER B 257 11.09 -24.28 17.43
C SER B 257 10.98 -22.76 17.33
N ARG B 258 11.92 -22.05 17.95
CA ARG B 258 11.94 -20.59 17.81
C ARG B 258 12.30 -20.19 16.39
N ALA B 259 13.24 -20.91 15.77
CA ALA B 259 13.57 -20.64 14.37
C ALA B 259 12.34 -20.74 13.48
N GLU B 260 11.52 -21.78 13.69
CA GLU B 260 10.31 -21.94 12.89
C GLU B 260 9.31 -20.85 13.19
N GLU B 261 9.14 -20.49 14.46
CA GLU B 261 8.25 -19.40 14.82
C GLU B 261 8.63 -18.09 14.13
N LEU B 262 9.92 -17.75 14.14
CA LEU B 262 10.37 -16.55 13.43
C LEU B 262 10.22 -16.69 11.92
N LEU B 263 10.52 -17.87 11.37
CA LEU B 263 10.40 -18.01 9.91
C LEU B 263 8.95 -17.92 9.45
N ARG B 264 7.98 -18.33 10.28
CA ARG B 264 6.58 -18.13 9.94
C ARG B 264 6.21 -16.66 9.86
N VAL B 265 6.94 -15.79 10.54
CA VAL B 265 6.74 -14.35 10.38
C VAL B 265 7.41 -13.84 9.10
N ILE B 266 8.71 -14.12 8.96
CA ILE B 266 9.46 -13.64 7.81
C ILE B 266 8.82 -14.11 6.52
N PHE B 267 8.32 -15.36 6.51
CA PHE B 267 7.64 -15.92 5.35
C PHE B 267 6.13 -15.91 5.50
N ALA B 268 5.56 -14.96 6.26
CA ALA B 268 4.11 -14.82 6.31
C ALA B 268 3.59 -14.66 4.89
N GLY B 269 2.41 -15.22 4.64
CA GLY B 269 1.87 -15.34 3.31
C GLY B 269 2.60 -16.28 2.37
N HIS B 270 3.66 -16.96 2.83
CA HIS B 270 4.47 -17.88 2.03
C HIS B 270 4.70 -19.20 2.78
N GLU B 271 3.62 -19.74 3.34
CA GLU B 271 3.73 -20.91 4.23
C GLU B 271 4.43 -22.07 3.53
N HIS B 272 4.22 -22.20 2.22
CA HIS B 272 4.83 -23.27 1.46
C HIS B 272 6.35 -23.21 1.45
N MET B 273 6.96 -22.16 2.00
CA MET B 273 8.41 -22.05 2.02
C MET B 273 9.00 -22.36 3.39
N VAL B 274 8.17 -22.49 4.42
CA VAL B 274 8.66 -22.55 5.80
C VAL B 274 9.47 -23.83 6.01
N GLU B 275 8.93 -24.97 5.56
CA GLU B 275 9.60 -26.25 5.77
C GLU B 275 10.99 -26.28 5.15
N SER B 276 11.11 -25.78 3.92
CA SER B 276 12.42 -25.69 3.28
C SER B 276 13.37 -24.79 4.07
N ALA B 277 12.86 -23.67 4.61
CA ALA B 277 13.70 -22.77 5.39
C ALA B 277 14.15 -23.41 6.71
N VAL B 278 13.23 -24.06 7.42
CA VAL B 278 13.57 -24.76 8.66
C VAL B 278 14.62 -25.84 8.39
N ARG B 279 14.44 -26.62 7.33
CA ARG B 279 15.40 -27.67 7.00
C ARG B 279 16.79 -27.10 6.75
N THR B 280 16.86 -26.05 5.93
CA THR B 280 18.11 -25.35 5.69
C THR B 280 18.70 -24.83 7.00
N TRP B 281 17.86 -24.26 7.86
CA TRP B 281 18.35 -23.71 9.12
C TRP B 281 19.00 -24.80 9.98
N GLU B 282 18.33 -25.96 10.13
CA GLU B 282 18.89 -27.04 10.92
C GLU B 282 20.18 -27.57 10.32
N LYS B 283 20.18 -27.77 9.01
CA LYS B 283 21.39 -28.22 8.32
C LYS B 283 22.55 -27.27 8.59
N ALA B 284 22.35 -25.96 8.38
CA ALA B 284 23.43 -25.00 8.58
C ALA B 284 23.90 -24.99 10.03
N ARG B 285 22.98 -25.14 10.98
CA ARG B 285 23.37 -25.12 12.38
C ARG B 285 24.30 -26.28 12.71
N ALA B 286 23.98 -27.49 12.25
CA ALA B 286 24.77 -28.66 12.59
C ALA B 286 26.12 -28.67 11.86
N ASP B 287 26.15 -28.16 10.62
CA ASP B 287 27.39 -28.17 9.85
C ASP B 287 28.45 -27.25 10.46
N ARG B 288 28.03 -26.21 11.19
CA ARG B 288 28.99 -25.35 11.87
C ARG B 288 29.22 -25.84 13.31
#